data_9CLY
#
_entry.id   9CLY
#
_cell.length_a   111.518
_cell.length_b   111.518
_cell.length_c   102.561
_cell.angle_alpha   90.000
_cell.angle_beta   90.000
_cell.angle_gamma   120.000
#
_symmetry.space_group_name_H-M   'P 31 2 1'
#
loop_
_entity.id
_entity.type
_entity.pdbx_description
1 polymer 'CylG protein'
2 non-polymer 'NADPH DIHYDRO-NICOTINAMIDE-ADENINE-DINUCLEOTIDE PHOSPHATE'
3 non-polymer IMIDAZOLE
4 water water
#
_entity_poly.entity_id   1
_entity_poly.type   'polypeptide(L)'
_entity_poly.pdbx_seq_one_letter_code
;SNAMKVAIVTGGTRGIGRAITKELYKEGYKVIAIYNSNDAKARALQEELPKLDVYKCNISDAKAVQKLVTKIFREYGGID
CLVNNAGIVRDGFFLMMSKEKWMDVININIMGLVNMSKAVLKIMKAKRIQGKVINISSTSGIAGQIGQANYSATKGAIIS
ITKTLAKEFASDGITINCVSPGFIETDMTNELQNKEELKEHLIPLKRFGQPEEVAWLVSFLASEKANYITGKNIVIDGGM
IND
;
_entity_poly.pdbx_strand_id   A,B
#
# COMPACT_ATOMS: atom_id res chain seq x y z
N MET A 4 -17.06 -17.58 -4.69
CA MET A 4 -16.57 -18.33 -3.55
C MET A 4 -15.04 -18.49 -3.57
N LYS A 5 -14.31 -17.45 -3.21
CA LYS A 5 -12.85 -17.50 -3.27
C LYS A 5 -12.27 -18.24 -2.08
N VAL A 6 -11.16 -18.94 -2.30
CA VAL A 6 -10.48 -19.73 -1.28
C VAL A 6 -9.17 -19.06 -0.89
N ALA A 7 -8.98 -18.83 0.41
CA ALA A 7 -7.75 -18.27 0.94
C ALA A 7 -7.11 -19.24 1.93
N ILE A 8 -5.78 -19.38 1.84
CA ILE A 8 -4.99 -20.12 2.83
C ILE A 8 -4.14 -19.12 3.61
N VAL A 9 -4.25 -19.15 4.93
CA VAL A 9 -3.46 -18.29 5.80
C VAL A 9 -2.59 -19.19 6.69
N THR A 10 -1.27 -19.14 6.50
CA THR A 10 -0.40 -19.91 7.38
C THR A 10 -0.15 -19.12 8.66
N GLY A 11 0.07 -19.84 9.75
CA GLY A 11 0.03 -19.20 11.06
C GLY A 11 -1.25 -18.43 11.30
N GLY A 12 -2.39 -18.97 10.86
CA GLY A 12 -3.60 -18.18 10.81
C GLY A 12 -4.47 -18.20 12.05
N THR A 13 -3.97 -18.68 13.19
CA THR A 13 -4.79 -18.84 14.38
C THR A 13 -4.36 -17.96 15.54
N ARG A 14 -3.23 -17.27 15.45
CA ARG A 14 -2.77 -16.39 16.51
C ARG A 14 -2.22 -15.12 15.90
N GLY A 15 -2.21 -14.05 16.70
CA GLY A 15 -1.53 -12.81 16.34
C GLY A 15 -2.00 -12.24 15.01
N ILE A 16 -1.02 -11.83 14.20
CA ILE A 16 -1.34 -11.19 12.93
C ILE A 16 -2.11 -12.14 12.03
N GLY A 17 -1.73 -13.42 12.06
CA GLY A 17 -2.40 -14.39 11.20
C GLY A 17 -3.86 -14.58 11.56
N ARG A 18 -4.16 -14.63 12.86
N ARG A 18 -4.16 -14.61 12.87
CA ARG A 18 -5.55 -14.71 13.30
CA ARG A 18 -5.55 -14.71 13.30
C ARG A 18 -6.36 -13.54 12.75
C ARG A 18 -6.37 -13.53 12.78
N ALA A 19 -5.80 -12.32 12.80
CA ALA A 19 -6.53 -11.15 12.33
C ALA A 19 -6.73 -11.20 10.82
N ILE A 20 -5.75 -11.72 10.09
CA ILE A 20 -5.90 -11.93 8.65
C ILE A 20 -7.02 -12.94 8.36
N THR A 21 -7.00 -14.07 9.07
CA THR A 21 -8.06 -15.06 8.93
C THR A 21 -9.43 -14.43 9.16
N LYS A 22 -9.57 -13.67 10.26
CA LYS A 22 -10.83 -13.04 10.58
C LYS A 22 -11.25 -12.04 9.52
N GLU A 23 -10.30 -11.31 8.96
CA GLU A 23 -10.64 -10.28 7.98
C GLU A 23 -11.07 -10.90 6.67
N LEU A 24 -10.31 -11.89 6.18
CA LEU A 24 -10.69 -12.58 4.96
C LEU A 24 -11.99 -13.34 5.12
N TYR A 25 -12.23 -13.91 6.31
CA TYR A 25 -13.52 -14.54 6.61
C TYR A 25 -14.65 -13.51 6.49
N LYS A 26 -14.47 -12.36 7.12
CA LYS A 26 -15.47 -11.31 7.06
C LYS A 26 -15.74 -10.87 5.62
N GLU A 27 -14.71 -10.91 4.78
CA GLU A 27 -14.83 -10.50 3.38
C GLU A 27 -15.40 -11.58 2.46
N GLY A 28 -15.83 -12.72 2.99
CA GLY A 28 -16.52 -13.72 2.20
C GLY A 28 -15.67 -14.86 1.66
N TYR A 29 -14.38 -14.91 1.99
CA TYR A 29 -13.55 -16.03 1.56
C TYR A 29 -13.90 -17.30 2.31
N LYS A 30 -13.72 -18.44 1.64
CA LYS A 30 -13.49 -19.69 2.34
C LYS A 30 -12.04 -19.67 2.81
N VAL A 31 -11.85 -19.66 4.12
CA VAL A 31 -10.52 -19.50 4.71
C VAL A 31 -10.07 -20.82 5.31
N ILE A 32 -8.82 -21.18 5.04
CA ILE A 32 -8.15 -22.32 5.68
C ILE A 32 -6.99 -21.76 6.47
N ALA A 33 -7.03 -21.92 7.79
CA ALA A 33 -5.97 -21.45 8.67
C ALA A 33 -5.06 -22.61 9.03
N ILE A 34 -3.76 -22.44 8.82
CA ILE A 34 -2.77 -23.46 9.12
C ILE A 34 -1.98 -23.02 10.34
N TYR A 35 -1.74 -23.94 11.26
CA TYR A 35 -0.98 -23.67 12.48
C TYR A 35 -0.07 -24.86 12.77
N ASN A 36 0.78 -24.70 13.78
CA ASN A 36 1.90 -25.60 14.00
C ASN A 36 1.76 -26.47 15.24
N SER A 37 1.17 -25.99 16.31
CA SER A 37 1.16 -26.79 17.53
C SER A 37 0.03 -26.50 18.51
N ASN A 38 -0.52 -25.29 18.51
CA ASN A 38 -1.48 -24.91 19.56
C ASN A 38 -2.87 -25.31 19.11
N ASP A 39 -3.28 -26.52 19.46
CA ASP A 39 -4.59 -27.01 19.06
C ASP A 39 -5.71 -26.21 19.74
N ALA A 40 -5.50 -25.82 21.00
CA ALA A 40 -6.56 -25.14 21.74
C ALA A 40 -6.93 -23.81 21.11
N LYS A 41 -5.92 -22.98 20.82
CA LYS A 41 -6.18 -21.72 20.13
C LYS A 41 -6.88 -21.95 18.81
N ALA A 42 -6.45 -22.96 18.05
CA ALA A 42 -7.07 -23.23 16.74
C ALA A 42 -8.55 -23.61 16.89
N ARG A 43 -8.87 -24.48 17.85
CA ARG A 43 -10.26 -24.87 18.03
C ARG A 43 -11.11 -23.70 18.51
N ALA A 44 -10.56 -22.86 19.39
CA ALA A 44 -11.30 -21.69 19.85
C ALA A 44 -11.61 -20.74 18.70
N LEU A 45 -10.72 -20.64 17.72
CA LEU A 45 -11.01 -19.79 16.57
C LEU A 45 -12.08 -20.41 15.68
N GLN A 46 -12.00 -21.73 15.49
CA GLN A 46 -13.03 -22.42 14.70
C GLN A 46 -14.40 -22.30 15.35
N GLU A 47 -14.44 -22.24 16.69
CA GLU A 47 -15.68 -21.93 17.40
C GLU A 47 -16.24 -20.58 17.00
N GLU A 48 -15.38 -19.55 16.94
CA GLU A 48 -15.86 -18.22 16.55
C GLU A 48 -16.28 -18.17 15.09
N LEU A 49 -15.54 -18.85 14.21
CA LEU A 49 -15.77 -18.82 12.76
C LEU A 49 -16.12 -20.22 12.29
N PRO A 50 -17.40 -20.58 12.29
CA PRO A 50 -17.78 -21.99 12.04
C PRO A 50 -17.40 -22.49 10.65
N LYS A 51 -17.35 -21.63 9.66
CA LYS A 51 -16.99 -22.03 8.30
C LYS A 51 -15.49 -22.16 8.08
N LEU A 52 -14.67 -21.89 9.10
CA LEU A 52 -13.22 -21.94 8.97
C LEU A 52 -12.73 -23.38 8.98
N ASP A 53 -11.85 -23.72 8.04
CA ASP A 53 -11.08 -24.96 8.14
C ASP A 53 -9.77 -24.63 8.85
N VAL A 54 -9.35 -25.51 9.76
CA VAL A 54 -8.06 -25.37 10.43
C VAL A 54 -7.32 -26.68 10.30
N TYR A 55 -6.01 -26.59 10.01
CA TYR A 55 -5.17 -27.78 9.92
C TYR A 55 -3.88 -27.53 10.69
N LYS A 56 -3.44 -28.53 11.44
CA LYS A 56 -2.12 -28.50 12.05
C LYS A 56 -1.13 -29.06 11.04
N CYS A 57 -0.16 -28.24 10.63
CA CYS A 57 0.78 -28.65 9.60
C CYS A 57 2.07 -27.86 9.77
N ASN A 58 3.20 -28.56 9.86
CA ASN A 58 4.52 -27.91 9.85
C ASN A 58 4.86 -27.56 8.41
N ILE A 59 4.85 -26.26 8.10
CA ILE A 59 5.04 -25.87 6.70
C ILE A 59 6.44 -26.12 6.20
N SER A 60 7.39 -26.47 7.06
CA SER A 60 8.72 -26.79 6.55
C SER A 60 8.81 -28.23 6.03
N ASP A 61 7.75 -29.01 6.19
CA ASP A 61 7.68 -30.38 5.66
C ASP A 61 6.97 -30.32 4.30
N ALA A 62 7.74 -30.48 3.22
CA ALA A 62 7.21 -30.25 1.89
C ALA A 62 6.13 -31.26 1.54
N LYS A 63 6.29 -32.51 1.95
CA LYS A 63 5.32 -33.54 1.60
C LYS A 63 3.99 -33.31 2.30
N ALA A 64 4.03 -33.02 3.60
CA ALA A 64 2.79 -32.74 4.30
C ALA A 64 2.12 -31.49 3.74
N VAL A 65 2.90 -30.50 3.29
CA VAL A 65 2.31 -29.32 2.67
C VAL A 65 1.62 -29.69 1.36
N GLN A 66 2.27 -30.51 0.53
CA GLN A 66 1.68 -30.88 -0.75
C GLN A 66 0.39 -31.65 -0.54
N LYS A 67 0.39 -32.60 0.40
CA LYS A 67 -0.81 -33.34 0.76
C LYS A 67 -1.96 -32.39 1.08
N LEU A 68 -1.70 -31.42 1.95
CA LEU A 68 -2.77 -30.51 2.39
C LEU A 68 -3.27 -29.64 1.25
N VAL A 69 -2.36 -29.04 0.49
CA VAL A 69 -2.79 -28.16 -0.60
C VAL A 69 -3.61 -28.94 -1.63
N THR A 70 -3.19 -30.17 -1.93
CA THR A 70 -3.91 -30.97 -2.92
C THR A 70 -5.29 -31.36 -2.39
N LYS A 71 -5.38 -31.73 -1.11
CA LYS A 71 -6.69 -31.96 -0.49
C LYS A 71 -7.55 -30.71 -0.53
N ILE A 72 -6.99 -29.57 -0.11
CA ILE A 72 -7.75 -28.32 -0.14
C ILE A 72 -8.28 -28.07 -1.55
N PHE A 73 -7.41 -28.23 -2.55
CA PHE A 73 -7.78 -27.93 -3.92
C PHE A 73 -8.85 -28.87 -4.43
N ARG A 74 -8.75 -30.16 -4.11
CA ARG A 74 -9.79 -31.10 -4.50
C ARG A 74 -11.12 -30.76 -3.86
N GLU A 75 -11.09 -30.33 -2.59
CA GLU A 75 -12.34 -30.04 -1.90
C GLU A 75 -13.01 -28.80 -2.47
N TYR A 76 -12.27 -27.73 -2.72
CA TYR A 76 -12.88 -26.45 -3.06
C TYR A 76 -12.72 -26.04 -4.52
N GLY A 77 -11.93 -26.77 -5.32
CA GLY A 77 -11.88 -26.48 -6.74
C GLY A 77 -10.95 -25.34 -7.14
N GLY A 78 -10.07 -24.92 -6.25
CA GLY A 78 -9.13 -23.88 -6.59
C GLY A 78 -8.64 -23.20 -5.34
N ILE A 79 -7.63 -22.37 -5.52
CA ILE A 79 -7.04 -21.58 -4.46
C ILE A 79 -6.81 -20.19 -5.02
N ASP A 80 -7.39 -19.18 -4.38
CA ASP A 80 -7.36 -17.85 -4.94
C ASP A 80 -6.37 -16.93 -4.25
N CYS A 81 -5.97 -17.27 -3.03
CA CYS A 81 -5.16 -16.38 -2.22
C CYS A 81 -4.36 -17.22 -1.23
N LEU A 82 -3.05 -17.00 -1.20
CA LEU A 82 -2.15 -17.58 -0.22
C LEU A 82 -1.52 -16.44 0.56
N VAL A 83 -1.66 -16.46 1.89
CA VAL A 83 -0.99 -15.51 2.76
C VAL A 83 0.07 -16.28 3.54
N ASN A 84 1.32 -16.05 3.19
CA ASN A 84 2.46 -16.69 3.85
C ASN A 84 2.80 -15.87 5.09
N ASN A 85 2.12 -16.17 6.20
CA ASN A 85 2.26 -15.39 7.42
C ASN A 85 3.04 -16.08 8.52
N ALA A 86 3.05 -17.42 8.56
CA ALA A 86 3.76 -18.14 9.61
C ALA A 86 5.23 -17.75 9.64
N GLY A 87 5.76 -17.54 10.85
CA GLY A 87 7.14 -17.15 11.02
C GLY A 87 7.58 -17.27 12.48
N ILE A 88 8.88 -17.47 12.72
CA ILE A 88 9.42 -17.60 14.08
C ILE A 88 10.63 -16.70 14.24
N VAL A 89 10.95 -16.40 15.48
CA VAL A 89 12.17 -15.66 15.82
C VAL A 89 12.97 -16.53 16.78
N ARG A 90 14.30 -16.49 16.63
CA ARG A 90 15.24 -17.07 17.59
C ARG A 90 16.35 -16.02 17.73
N ASP A 91 16.11 -15.02 18.57
CA ASP A 91 16.96 -13.83 18.60
C ASP A 91 18.19 -14.06 19.50
N GLY A 92 19.15 -13.18 19.37
CA GLY A 92 20.35 -13.23 20.19
C GLY A 92 21.47 -12.54 19.45
N PHE A 93 22.53 -12.22 20.18
CA PHE A 93 23.69 -11.64 19.52
C PHE A 93 24.22 -12.61 18.48
N PHE A 94 24.66 -12.05 17.34
CA PHE A 94 25.23 -12.83 16.26
C PHE A 94 26.32 -13.79 16.76
N LEU A 95 27.20 -13.33 17.65
CA LEU A 95 28.30 -14.18 18.10
C LEU A 95 27.84 -15.29 19.04
N MET A 96 26.56 -15.29 19.45
CA MET A 96 26.03 -16.29 20.36
C MET A 96 24.86 -17.04 19.73
N MET A 97 24.74 -16.97 18.42
CA MET A 97 23.62 -17.51 17.67
C MET A 97 24.11 -18.76 16.96
N SER A 98 23.64 -19.92 17.41
CA SER A 98 24.10 -21.20 16.88
C SER A 98 23.65 -21.40 15.44
N LYS A 99 24.30 -22.37 14.77
CA LYS A 99 23.82 -22.86 13.49
C LYS A 99 22.36 -23.32 13.57
N GLU A 100 21.98 -23.94 14.69
N GLU A 100 21.98 -23.89 14.71
CA GLU A 100 20.61 -24.40 14.87
CA GLU A 100 20.62 -24.42 14.85
C GLU A 100 19.63 -23.25 14.78
C GLU A 100 19.59 -23.29 14.87
N LYS A 101 19.93 -22.14 15.47
CA LYS A 101 19.03 -21.00 15.42
C LYS A 101 18.93 -20.42 14.00
N TRP A 102 20.00 -20.52 13.22
CA TRP A 102 19.92 -20.08 11.83
C TRP A 102 19.02 -21.01 11.03
N MET A 103 19.26 -22.32 11.13
CA MET A 103 18.54 -23.26 10.29
C MET A 103 17.07 -23.36 10.70
N ASP A 104 16.77 -23.26 12.00
CA ASP A 104 15.37 -23.31 12.41
C ASP A 104 14.58 -22.16 11.80
N VAL A 105 15.14 -20.95 11.84
CA VAL A 105 14.43 -19.80 11.32
C VAL A 105 14.40 -19.83 9.79
N ILE A 106 15.49 -20.29 9.17
CA ILE A 106 15.51 -20.44 7.71
C ILE A 106 14.47 -21.48 7.28
N ASN A 107 14.39 -22.60 8.00
CA ASN A 107 13.53 -23.70 7.55
C ASN A 107 12.05 -23.31 7.57
N ILE A 108 11.65 -22.44 8.49
CA ILE A 108 10.27 -22.00 8.54
C ILE A 108 10.05 -20.74 7.72
N ASN A 109 10.83 -19.68 7.98
CA ASN A 109 10.56 -18.37 7.37
C ASN A 109 10.90 -18.34 5.88
N ILE A 110 11.89 -19.11 5.44
CA ILE A 110 12.16 -19.20 4.02
C ILE A 110 11.53 -20.46 3.42
N MET A 111 11.89 -21.64 3.94
CA MET A 111 11.46 -22.86 3.28
C MET A 111 9.97 -23.12 3.47
N GLY A 112 9.38 -22.60 4.55
CA GLY A 112 7.94 -22.69 4.69
C GLY A 112 7.22 -21.91 3.59
N LEU A 113 7.65 -20.67 3.37
CA LEU A 113 7.09 -19.90 2.26
C LEU A 113 7.27 -20.62 0.93
N VAL A 114 8.48 -21.16 0.70
CA VAL A 114 8.79 -21.88 -0.55
C VAL A 114 7.86 -23.06 -0.73
N ASN A 115 7.72 -23.89 0.30
CA ASN A 115 6.90 -25.10 0.17
C ASN A 115 5.44 -24.74 -0.10
N MET A 116 4.88 -23.81 0.67
CA MET A 116 3.50 -23.39 0.44
C MET A 116 3.33 -22.78 -0.94
N SER A 117 4.27 -21.91 -1.34
CA SER A 117 4.10 -21.18 -2.59
C SER A 117 4.28 -22.08 -3.80
N LYS A 118 5.23 -23.03 -3.74
CA LYS A 118 5.37 -23.98 -4.84
C LYS A 118 4.09 -24.73 -5.07
N ALA A 119 3.47 -25.20 -3.98
CA ALA A 119 2.26 -26.02 -4.12
C ALA A 119 1.10 -25.19 -4.63
N VAL A 120 0.94 -23.97 -4.13
CA VAL A 120 -0.21 -23.16 -4.48
C VAL A 120 -0.05 -22.58 -5.89
N LEU A 121 1.12 -22.03 -6.21
CA LEU A 121 1.28 -21.40 -7.52
C LEU A 121 1.16 -22.41 -8.66
N LYS A 122 1.65 -23.64 -8.45
CA LYS A 122 1.48 -24.66 -9.48
C LYS A 122 -0.01 -24.84 -9.81
N ILE A 123 -0.86 -24.81 -8.79
CA ILE A 123 -2.29 -25.01 -9.00
C ILE A 123 -2.91 -23.75 -9.61
N MET A 124 -2.57 -22.57 -9.08
CA MET A 124 -3.09 -21.33 -9.66
C MET A 124 -2.77 -21.25 -11.14
N LYS A 125 -1.55 -21.62 -11.51
CA LYS A 125 -1.15 -21.51 -12.91
C LYS A 125 -1.84 -22.57 -13.75
N ALA A 126 -1.88 -23.81 -13.24
CA ALA A 126 -2.56 -24.88 -13.97
C ALA A 126 -4.03 -24.54 -14.21
N LYS A 127 -4.70 -23.98 -13.20
CA LYS A 127 -6.13 -23.70 -13.34
C LYS A 127 -6.42 -22.33 -13.96
N ARG A 128 -5.40 -21.58 -14.40
N ARG A 128 -5.39 -21.61 -14.37
CA ARG A 128 -5.61 -20.23 -14.95
CA ARG A 128 -5.50 -20.25 -14.90
C ARG A 128 -6.20 -19.26 -13.93
C ARG A 128 -6.24 -19.34 -13.92
N ILE A 129 -5.88 -19.43 -12.65
CA ILE A 129 -6.43 -18.56 -11.63
C ILE A 129 -5.57 -17.32 -11.54
N GLN A 130 -6.21 -16.14 -11.67
CA GLN A 130 -5.52 -14.86 -11.50
C GLN A 130 -5.41 -14.55 -10.01
N GLY A 131 -4.63 -15.36 -9.30
CA GLY A 131 -4.59 -15.35 -7.86
C GLY A 131 -3.64 -14.33 -7.24
N LYS A 132 -3.53 -14.43 -5.91
CA LYS A 132 -2.80 -13.48 -5.08
C LYS A 132 -1.94 -14.26 -4.09
N VAL A 133 -0.68 -13.89 -3.98
CA VAL A 133 0.15 -14.31 -2.87
C VAL A 133 0.60 -13.06 -2.14
N ILE A 134 0.41 -13.04 -0.83
CA ILE A 134 0.89 -11.95 0.03
C ILE A 134 1.79 -12.57 1.07
N ASN A 135 3.04 -12.10 1.13
CA ASN A 135 4.03 -12.56 2.08
C ASN A 135 4.17 -11.51 3.18
N ILE A 136 4.39 -11.96 4.41
CA ILE A 136 4.60 -11.07 5.54
C ILE A 136 6.10 -11.05 5.82
N SER A 137 6.71 -9.88 5.63
CA SER A 137 8.11 -9.74 6.06
C SER A 137 8.18 -8.91 7.32
N SER A 138 9.16 -8.01 7.41
CA SER A 138 9.34 -7.21 8.62
C SER A 138 10.26 -6.03 8.31
N THR A 139 10.07 -4.94 9.05
CA THR A 139 11.05 -3.85 8.98
C THR A 139 12.42 -4.33 9.40
N SER A 140 12.47 -5.38 10.24
CA SER A 140 13.76 -5.94 10.64
C SER A 140 14.56 -6.40 9.43
N GLY A 141 13.87 -6.94 8.41
CA GLY A 141 14.55 -7.33 7.20
C GLY A 141 14.90 -6.18 6.29
N ILE A 142 14.17 -5.06 6.39
CA ILE A 142 14.46 -3.91 5.53
C ILE A 142 15.65 -3.14 6.07
N ALA A 143 15.65 -2.84 7.37
CA ALA A 143 16.63 -1.92 7.93
C ALA A 143 17.65 -2.59 8.86
N GLY A 144 17.50 -3.88 9.16
CA GLY A 144 18.41 -4.54 10.08
C GLY A 144 18.01 -4.30 11.52
N GLN A 145 18.34 -5.24 12.42
CA GLN A 145 17.96 -5.09 13.83
C GLN A 145 18.95 -5.85 14.70
N ILE A 146 19.60 -5.15 15.64
CA ILE A 146 20.51 -5.79 16.58
C ILE A 146 19.83 -6.98 17.21
N GLY A 147 20.55 -8.09 17.31
CA GLY A 147 20.01 -9.29 17.91
C GLY A 147 19.11 -10.10 17.01
N GLN A 148 19.03 -9.76 15.71
CA GLN A 148 18.13 -10.49 14.82
C GLN A 148 18.80 -10.86 13.50
N ALA A 149 20.12 -11.14 13.51
CA ALA A 149 20.79 -11.45 12.26
C ALA A 149 20.05 -12.53 11.47
N ASN A 150 19.57 -13.58 12.15
CA ASN A 150 18.92 -14.67 11.45
C ASN A 150 17.51 -14.28 11.01
N TYR A 151 16.73 -13.66 11.90
CA TYR A 151 15.39 -13.20 11.53
C TYR A 151 15.44 -12.21 10.37
N SER A 152 16.29 -11.18 10.50
N SER A 152 16.30 -11.18 10.48
CA SER A 152 16.42 -10.17 9.46
CA SER A 152 16.37 -10.18 9.43
C SER A 152 16.86 -10.79 8.14
C SER A 152 16.86 -10.78 8.13
N ALA A 153 17.78 -11.76 8.19
CA ALA A 153 18.18 -12.48 6.99
C ALA A 153 16.97 -13.06 6.26
N THR A 154 16.12 -13.82 6.98
CA THR A 154 15.02 -14.47 6.28
C THR A 154 13.99 -13.46 5.77
N LYS A 155 13.80 -12.36 6.50
CA LYS A 155 12.80 -11.38 6.09
C LYS A 155 13.28 -10.57 4.88
N GLY A 156 14.57 -10.30 4.78
CA GLY A 156 15.09 -9.79 3.53
C GLY A 156 14.94 -10.80 2.40
N ALA A 157 15.17 -12.08 2.70
CA ALA A 157 14.98 -13.11 1.68
C ALA A 157 13.55 -13.12 1.16
N ILE A 158 12.58 -12.99 2.07
CA ILE A 158 11.15 -13.02 1.71
C ILE A 158 10.82 -11.88 0.75
N ILE A 159 11.36 -10.68 1.01
CA ILE A 159 11.11 -9.55 0.13
C ILE A 159 11.66 -9.83 -1.25
N SER A 160 12.90 -10.35 -1.31
CA SER A 160 13.51 -10.71 -2.60
C SER A 160 12.71 -11.78 -3.32
N ILE A 161 12.24 -12.79 -2.60
CA ILE A 161 11.45 -13.83 -3.24
C ILE A 161 10.16 -13.25 -3.79
N THR A 162 9.52 -12.35 -3.03
CA THR A 162 8.32 -11.68 -3.54
C THR A 162 8.58 -11.05 -4.91
N LYS A 163 9.69 -10.30 -5.02
CA LYS A 163 9.97 -9.62 -6.28
C LYS A 163 10.27 -10.61 -7.39
N THR A 164 11.04 -11.65 -7.11
CA THR A 164 11.33 -12.64 -8.14
C THR A 164 10.06 -13.37 -8.59
N LEU A 165 9.22 -13.77 -7.64
CA LEU A 165 8.01 -14.49 -8.03
C LEU A 165 7.01 -13.57 -8.74
N ALA A 166 6.95 -12.30 -8.37
CA ALA A 166 6.10 -11.35 -9.09
C ALA A 166 6.48 -11.27 -10.56
N LYS A 167 7.78 -11.19 -10.86
CA LYS A 167 8.19 -11.17 -12.26
C LYS A 167 7.92 -12.50 -12.94
N GLU A 168 8.16 -13.61 -12.24
CA GLU A 168 8.06 -14.91 -12.87
C GLU A 168 6.61 -15.26 -13.21
N PHE A 169 5.65 -14.80 -12.41
CA PHE A 169 4.24 -15.18 -12.59
C PHE A 169 3.36 -14.03 -13.10
N ALA A 170 3.95 -12.90 -13.49
CA ALA A 170 3.14 -11.77 -13.94
C ALA A 170 2.32 -12.12 -15.18
N SER A 171 2.93 -12.82 -16.15
CA SER A 171 2.22 -13.19 -17.38
C SER A 171 1.02 -14.08 -17.11
N ASP A 172 0.98 -14.74 -15.96
CA ASP A 172 -0.15 -15.55 -15.54
C ASP A 172 -1.21 -14.75 -14.80
N GLY A 173 -1.00 -13.44 -14.60
CA GLY A 173 -1.96 -12.64 -13.89
C GLY A 173 -2.02 -12.89 -12.40
N ILE A 174 -0.97 -13.45 -11.82
CA ILE A 174 -0.87 -13.70 -10.39
C ILE A 174 -0.02 -12.57 -9.81
N THR A 175 -0.59 -11.76 -8.92
CA THR A 175 0.24 -10.74 -8.29
C THR A 175 0.80 -11.28 -6.99
N ILE A 176 2.00 -10.83 -6.65
CA ILE A 176 2.73 -11.32 -5.48
C ILE A 176 3.34 -10.11 -4.80
N ASN A 177 2.92 -9.86 -3.57
CA ASN A 177 3.29 -8.67 -2.83
C ASN A 177 3.69 -9.07 -1.42
N CYS A 178 4.31 -8.14 -0.72
CA CYS A 178 4.82 -8.38 0.61
C CYS A 178 4.32 -7.25 1.49
N VAL A 179 3.98 -7.59 2.74
CA VAL A 179 3.63 -6.60 3.77
C VAL A 179 4.69 -6.71 4.85
N SER A 180 5.28 -5.59 5.23
CA SER A 180 6.35 -5.57 6.24
C SER A 180 5.90 -4.76 7.45
N PRO A 181 5.42 -5.37 8.51
CA PRO A 181 5.01 -4.59 9.68
C PRO A 181 6.21 -4.16 10.52
N GLY A 182 6.02 -3.06 11.23
CA GLY A 182 6.94 -2.66 12.29
C GLY A 182 6.59 -3.37 13.59
N PHE A 183 6.36 -2.65 14.68
CA PHE A 183 5.99 -3.29 15.93
C PHE A 183 4.48 -3.39 16.01
N ILE A 184 3.98 -4.61 16.16
CA ILE A 184 2.55 -4.90 16.24
C ILE A 184 2.30 -5.55 17.58
N GLU A 185 1.23 -5.16 18.25
CA GLU A 185 0.90 -5.74 19.54
C GLU A 185 0.46 -7.20 19.36
N THR A 186 1.35 -8.15 19.64
CA THR A 186 1.06 -9.59 19.64
C THR A 186 1.92 -10.26 20.72
N ASP A 187 1.87 -11.59 20.77
CA ASP A 187 2.72 -12.34 21.71
C ASP A 187 4.19 -12.25 21.34
N MET A 188 4.50 -12.13 20.04
CA MET A 188 5.87 -11.93 19.61
C MET A 188 6.50 -10.68 20.25
N THR A 189 5.67 -9.71 20.66
CA THR A 189 6.15 -8.44 21.21
C THR A 189 5.63 -8.13 22.61
N ASN A 190 4.89 -9.04 23.24
CA ASN A 190 4.38 -8.75 24.59
C ASN A 190 5.49 -8.78 25.64
N GLU A 191 6.58 -9.49 25.37
CA GLU A 191 7.65 -9.66 26.33
C GLU A 191 8.67 -8.54 26.34
N LEU A 192 8.59 -7.62 25.37
CA LEU A 192 9.54 -6.52 25.30
C LEU A 192 9.49 -5.68 26.58
N GLN A 193 10.66 -5.18 26.99
CA GLN A 193 10.74 -4.27 28.13
C GLN A 193 10.83 -2.81 27.71
N ASN A 194 11.29 -2.53 26.49
CA ASN A 194 11.52 -1.18 26.00
C ASN A 194 10.32 -0.63 25.22
N LYS A 195 9.10 -1.07 25.52
CA LYS A 195 7.95 -0.67 24.72
C LYS A 195 7.73 0.85 24.79
N GLU A 196 7.86 1.43 25.99
N GLU A 196 7.82 1.41 26.01
CA GLU A 196 7.58 2.86 26.10
CA GLU A 196 7.63 2.85 26.18
C GLU A 196 8.69 3.72 25.49
C GLU A 196 8.66 3.63 25.38
N GLU A 197 9.93 3.20 25.45
CA GLU A 197 10.99 3.93 24.74
C GLU A 197 10.85 3.81 23.24
N LEU A 198 10.43 2.62 22.75
CA LEU A 198 10.11 2.48 21.33
C LEU A 198 9.00 3.42 20.93
N LYS A 199 7.93 3.48 21.74
CA LYS A 199 6.83 4.37 21.40
C LYS A 199 7.27 5.83 21.49
N GLU A 200 7.97 6.19 22.57
CA GLU A 200 8.33 7.59 22.78
C GLU A 200 9.34 8.08 21.74
N HIS A 201 10.30 7.24 21.36
CA HIS A 201 11.43 7.70 20.58
C HIS A 201 11.49 7.16 19.16
N LEU A 202 11.05 5.93 18.92
CA LEU A 202 11.31 5.32 17.62
C LEU A 202 10.12 5.35 16.68
N ILE A 203 8.89 5.46 17.18
CA ILE A 203 7.72 5.33 16.33
C ILE A 203 7.03 6.69 16.28
N PRO A 204 7.05 7.38 15.13
CA PRO A 204 6.47 8.74 15.11
C PRO A 204 5.02 8.77 15.57
N LEU A 205 4.20 7.77 15.21
CA LEU A 205 2.82 7.71 15.66
C LEU A 205 2.68 7.31 17.11
N LYS A 206 3.78 6.91 17.76
CA LYS A 206 3.86 6.74 19.22
C LYS A 206 2.99 5.60 19.74
N ARG A 207 2.80 4.56 18.93
CA ARG A 207 2.05 3.40 19.39
C ARG A 207 2.49 2.22 18.55
N PHE A 208 2.24 1.02 19.08
CA PHE A 208 2.34 -0.19 18.27
C PHE A 208 1.14 -0.28 17.35
N GLY A 209 1.31 -1.00 16.25
CA GLY A 209 0.17 -1.31 15.42
C GLY A 209 -0.69 -2.42 16.00
N GLN A 210 -1.97 -2.50 15.50
CA GLN A 210 -2.82 -3.61 15.90
C GLN A 210 -2.81 -4.70 14.84
N PRO A 211 -2.97 -5.98 15.21
CA PRO A 211 -3.02 -7.02 14.17
C PRO A 211 -4.06 -6.75 13.09
N GLU A 212 -5.23 -6.18 13.44
CA GLU A 212 -6.25 -5.94 12.43
C GLU A 212 -5.83 -4.89 11.42
N GLU A 213 -4.91 -3.99 11.78
CA GLU A 213 -4.43 -3.02 10.79
C GLU A 213 -3.55 -3.70 9.74
N VAL A 214 -2.78 -4.71 10.14
CA VAL A 214 -2.05 -5.48 9.13
C VAL A 214 -3.02 -6.26 8.26
N ALA A 215 -4.06 -6.84 8.87
CA ALA A 215 -5.05 -7.60 8.09
C ALA A 215 -5.76 -6.72 7.07
N TRP A 216 -6.11 -5.49 7.44
CA TRP A 216 -6.76 -4.58 6.49
C TRP A 216 -5.90 -4.35 5.25
N LEU A 217 -4.60 -4.17 5.44
CA LEU A 217 -3.69 -3.98 4.31
C LEU A 217 -3.57 -5.26 3.48
N VAL A 218 -3.42 -6.41 4.14
CA VAL A 218 -3.40 -7.69 3.45
C VAL A 218 -4.68 -7.90 2.64
N SER A 219 -5.84 -7.61 3.23
N SER A 219 -5.84 -7.61 3.24
CA SER A 219 -7.10 -7.84 2.53
CA SER A 219 -7.11 -7.82 2.55
C SER A 219 -7.24 -6.93 1.32
C SER A 219 -7.21 -6.94 1.32
N PHE A 220 -6.74 -5.69 1.40
CA PHE A 220 -6.73 -4.81 0.23
C PHE A 220 -5.88 -5.41 -0.89
N LEU A 221 -4.67 -5.87 -0.56
CA LEU A 221 -3.79 -6.43 -1.58
C LEU A 221 -4.38 -7.69 -2.20
N ALA A 222 -5.15 -8.47 -1.41
CA ALA A 222 -5.81 -9.66 -1.91
C ALA A 222 -7.03 -9.36 -2.76
N SER A 223 -7.55 -8.13 -2.72
CA SER A 223 -8.81 -7.86 -3.41
C SER A 223 -8.55 -7.53 -4.87
N GLU A 224 -9.63 -7.50 -5.65
CA GLU A 224 -9.57 -7.09 -7.04
C GLU A 224 -9.34 -5.58 -7.20
N LYS A 225 -9.23 -4.84 -6.11
CA LYS A 225 -8.90 -3.42 -6.16
C LYS A 225 -7.39 -3.17 -6.16
N ALA A 226 -6.59 -4.23 -6.19
CA ALA A 226 -5.14 -4.15 -6.13
C ALA A 226 -4.47 -4.94 -7.26
N ASN A 227 -5.18 -5.15 -8.36
CA ASN A 227 -4.67 -6.02 -9.43
C ASN A 227 -3.48 -5.42 -10.18
N TYR A 228 -3.19 -4.12 -10.03
CA TYR A 228 -2.06 -3.53 -10.74
C TYR A 228 -0.85 -3.35 -9.84
N ILE A 229 -0.94 -3.78 -8.59
CA ILE A 229 0.16 -3.74 -7.65
C ILE A 229 0.77 -5.13 -7.63
N THR A 230 2.04 -5.25 -8.00
CA THR A 230 2.72 -6.53 -7.89
C THR A 230 4.19 -6.28 -7.62
N GLY A 231 4.81 -7.19 -6.87
CA GLY A 231 6.23 -7.11 -6.58
C GLY A 231 6.58 -6.10 -5.52
N LYS A 232 5.60 -5.53 -4.85
CA LYS A 232 5.84 -4.44 -3.92
C LYS A 232 5.89 -4.94 -2.47
N ASN A 233 6.59 -4.17 -1.64
CA ASN A 233 6.70 -4.38 -0.21
C ASN A 233 6.17 -3.12 0.47
N ILE A 234 5.05 -3.24 1.17
CA ILE A 234 4.40 -2.09 1.79
C ILE A 234 4.61 -2.17 3.29
N VAL A 235 5.14 -1.11 3.86
CA VAL A 235 5.59 -1.10 5.25
C VAL A 235 4.49 -0.49 6.10
N ILE A 236 4.11 -1.17 7.17
CA ILE A 236 3.06 -0.67 8.05
C ILE A 236 3.66 -0.58 9.45
N ASP A 237 4.13 0.62 9.83
CA ASP A 237 5.06 0.73 10.95
C ASP A 237 4.96 2.02 11.76
N GLY A 238 3.89 2.80 11.60
CA GLY A 238 3.78 4.05 12.32
C GLY A 238 4.81 5.08 11.98
N GLY A 239 5.49 4.94 10.84
CA GLY A 239 6.56 5.85 10.46
C GLY A 239 7.94 5.45 10.96
N MET A 240 8.09 4.27 11.56
CA MET A 240 9.33 3.95 12.26
C MET A 240 10.55 4.02 11.35
N ILE A 241 10.48 3.45 10.14
CA ILE A 241 11.68 3.42 9.31
C ILE A 241 11.46 4.20 8.01
N ASN A 242 12.57 4.51 7.36
CA ASN A 242 12.58 4.90 5.95
C ASN A 242 12.76 3.64 5.12
N ASP A 243 11.81 3.38 4.22
CA ASP A 243 11.92 2.19 3.38
C ASP A 243 13.18 2.24 2.51
N ASN B 2 -21.71 6.56 3.52
CA ASN B 2 -21.72 7.94 4.01
C ASN B 2 -20.68 8.16 5.10
N ALA B 3 -19.49 8.59 4.70
CA ALA B 3 -18.40 8.71 5.65
C ALA B 3 -18.49 9.96 6.52
N MET B 4 -19.33 10.93 6.16
CA MET B 4 -19.43 12.17 6.92
C MET B 4 -18.07 12.84 7.05
N LYS B 5 -17.30 12.81 5.96
CA LYS B 5 -15.97 13.39 5.91
C LYS B 5 -15.85 14.31 4.71
N VAL B 6 -14.89 15.22 4.77
CA VAL B 6 -14.67 16.24 3.75
C VAL B 6 -13.32 15.98 3.09
N ALA B 7 -13.31 15.85 1.77
CA ALA B 7 -12.08 15.66 1.01
C ALA B 7 -11.91 16.72 -0.07
N ILE B 8 -10.68 17.22 -0.21
CA ILE B 8 -10.29 18.08 -1.32
C ILE B 8 -9.42 17.27 -2.27
N VAL B 9 -9.76 17.25 -3.54
CA VAL B 9 -8.94 16.61 -4.57
C VAL B 9 -8.56 17.69 -5.58
N THR B 10 -7.28 18.07 -5.60
CA THR B 10 -6.84 18.99 -6.64
C THR B 10 -6.64 18.21 -7.93
N GLY B 11 -6.79 18.89 -9.05
CA GLY B 11 -6.87 18.20 -10.33
C GLY B 11 -7.92 17.11 -10.34
N GLY B 12 -9.07 17.38 -9.74
CA GLY B 12 -10.06 16.36 -9.46
C GLY B 12 -11.13 16.14 -10.50
N THR B 13 -11.02 16.73 -11.69
CA THR B 13 -12.06 16.65 -12.71
C THR B 13 -11.67 15.88 -13.95
N ARG B 14 -10.40 15.52 -14.12
CA ARG B 14 -9.95 14.76 -15.27
C ARG B 14 -8.97 13.69 -14.80
N GLY B 15 -8.87 12.62 -15.58
CA GLY B 15 -7.81 11.64 -15.40
C GLY B 15 -7.84 10.97 -14.05
N ILE B 16 -6.66 10.83 -13.44
CA ILE B 16 -6.55 10.16 -12.15
C ILE B 16 -7.37 10.90 -11.10
N GLY B 17 -7.29 12.23 -11.10
CA GLY B 17 -8.04 13.02 -10.12
C GLY B 17 -9.53 12.82 -10.22
N ARG B 18 -10.05 12.70 -11.46
N ARG B 18 -10.05 12.69 -11.45
CA ARG B 18 -11.47 12.42 -11.64
CA ARG B 18 -11.48 12.42 -11.61
C ARG B 18 -11.85 11.08 -11.01
C ARG B 18 -11.86 11.07 -11.01
N ALA B 19 -11.00 10.06 -11.17
CA ALA B 19 -11.29 8.76 -10.59
C ALA B 19 -11.25 8.81 -9.08
N ILE B 20 -10.26 9.52 -8.51
CA ILE B 20 -10.18 9.70 -7.06
C ILE B 20 -11.45 10.39 -6.55
N THR B 21 -11.87 11.47 -7.23
CA THR B 21 -13.13 12.14 -6.88
C THR B 21 -14.29 11.15 -6.86
N LYS B 22 -14.47 10.39 -7.94
CA LYS B 22 -15.59 9.45 -8.04
C LYS B 22 -15.54 8.39 -6.93
N GLU B 23 -14.34 7.97 -6.55
CA GLU B 23 -14.23 6.91 -5.54
C GLU B 23 -14.56 7.44 -4.16
N LEU B 24 -14.02 8.60 -3.78
CA LEU B 24 -14.36 9.17 -2.48
C LEU B 24 -15.83 9.57 -2.40
N TYR B 25 -16.39 10.05 -3.51
CA TYR B 25 -17.83 10.34 -3.55
C TYR B 25 -18.64 9.09 -3.28
N LYS B 26 -18.28 7.98 -3.94
CA LYS B 26 -18.94 6.69 -3.73
C LYS B 26 -18.84 6.24 -2.27
N GLU B 27 -17.70 6.54 -1.61
CA GLU B 27 -17.50 6.15 -0.21
C GLU B 27 -18.19 7.10 0.77
N GLY B 28 -18.95 8.08 0.28
CA GLY B 28 -19.70 8.97 1.14
C GLY B 28 -18.96 10.18 1.66
N TYR B 29 -17.81 10.53 1.09
CA TYR B 29 -17.18 11.81 1.40
C TYR B 29 -17.94 12.94 0.72
N LYS B 30 -17.99 14.09 1.39
CA LYS B 30 -18.19 15.33 0.65
C LYS B 30 -16.88 15.68 -0.03
N VAL B 31 -16.90 15.79 -1.36
CA VAL B 31 -15.69 16.00 -2.15
C VAL B 31 -15.72 17.39 -2.75
N ILE B 32 -14.61 18.11 -2.64
CA ILE B 32 -14.40 19.37 -3.34
C ILE B 32 -13.30 19.13 -4.36
N ALA B 33 -13.62 19.28 -5.64
CA ALA B 33 -12.69 19.03 -6.72
C ALA B 33 -12.21 20.35 -7.31
N ILE B 34 -10.90 20.51 -7.41
CA ILE B 34 -10.29 21.74 -7.87
C ILE B 34 -9.67 21.51 -9.25
N TYR B 35 -9.79 22.49 -10.13
CA TYR B 35 -9.27 22.35 -11.49
C TYR B 35 -8.78 23.71 -11.96
N ASN B 36 -8.17 23.72 -13.14
CA ASN B 36 -7.36 24.85 -13.58
C ASN B 36 -7.98 25.66 -14.71
N SER B 37 -8.55 25.02 -15.73
CA SER B 37 -9.02 25.78 -16.87
C SER B 37 -10.29 25.22 -17.49
N ASN B 38 -10.44 23.90 -17.53
CA ASN B 38 -11.51 23.28 -18.29
C ASN B 38 -12.84 23.34 -17.52
N ASP B 39 -13.57 24.44 -17.70
CA ASP B 39 -14.87 24.58 -17.06
C ASP B 39 -15.86 23.51 -17.54
N ALA B 40 -15.71 23.06 -18.78
CA ALA B 40 -16.68 22.13 -19.34
C ALA B 40 -16.59 20.77 -18.67
N LYS B 41 -15.36 20.26 -18.48
CA LYS B 41 -15.19 18.98 -17.81
C LYS B 41 -15.71 19.03 -16.38
N ALA B 42 -15.41 20.12 -15.67
CA ALA B 42 -15.88 20.25 -14.29
C ALA B 42 -17.40 20.25 -14.23
N ARG B 43 -18.04 21.07 -15.05
CA ARG B 43 -19.51 21.13 -15.04
C ARG B 43 -20.11 19.77 -15.40
N ALA B 44 -19.53 19.09 -16.39
CA ALA B 44 -20.03 17.77 -16.78
C ALA B 44 -19.86 16.76 -15.65
N LEU B 45 -18.76 16.84 -14.92
CA LEU B 45 -18.56 15.94 -13.78
C LEU B 45 -19.56 16.24 -12.66
N GLN B 46 -19.81 17.51 -12.40
CA GLN B 46 -20.77 17.88 -11.36
C GLN B 46 -22.20 17.53 -11.76
N GLU B 47 -22.51 17.47 -13.06
CA GLU B 47 -23.82 17.00 -13.47
C GLU B 47 -23.98 15.51 -13.19
N GLU B 48 -22.89 14.75 -13.27
CA GLU B 48 -22.93 13.33 -12.96
C GLU B 48 -22.95 13.07 -11.46
N LEU B 49 -22.29 13.91 -10.66
CA LEU B 49 -22.19 13.76 -9.21
C LEU B 49 -22.72 15.04 -8.56
N PRO B 50 -24.04 15.16 -8.39
CA PRO B 50 -24.61 16.47 -8.02
C PRO B 50 -24.18 17.00 -6.66
N LYS B 51 -23.73 16.15 -5.75
CA LYS B 51 -23.29 16.64 -4.43
C LYS B 51 -21.85 17.11 -4.42
N LEU B 52 -21.19 17.10 -5.58
CA LEU B 52 -19.79 17.53 -5.68
C LEU B 52 -19.69 19.04 -5.77
N ASP B 53 -18.72 19.61 -5.06
CA ASP B 53 -18.34 21.01 -5.22
C ASP B 53 -17.14 21.07 -6.17
N VAL B 54 -17.14 22.06 -7.06
CA VAL B 54 -16.02 22.23 -7.99
C VAL B 54 -15.58 23.69 -7.99
N TYR B 55 -14.28 23.92 -8.14
CA TYR B 55 -13.74 25.28 -8.15
C TYR B 55 -12.59 25.39 -9.15
N LYS B 56 -12.63 26.43 -9.98
CA LYS B 56 -11.51 26.79 -10.82
C LYS B 56 -10.53 27.60 -9.97
N CYS B 57 -9.37 27.02 -9.67
CA CYS B 57 -8.45 27.64 -8.74
C CYS B 57 -7.02 27.21 -9.10
N ASN B 58 -6.17 28.19 -9.42
CA ASN B 58 -4.76 27.93 -9.70
C ASN B 58 -4.01 27.71 -8.40
N ILE B 59 -3.63 26.47 -8.11
CA ILE B 59 -3.03 26.16 -6.81
C ILE B 59 -1.67 26.78 -6.60
N SER B 60 -1.03 27.31 -7.66
CA SER B 60 0.21 28.04 -7.45
C SER B 60 -0.02 29.44 -6.89
N ASP B 61 -1.26 29.93 -6.87
CA ASP B 61 -1.63 31.25 -6.34
C ASP B 61 -2.01 31.09 -4.86
N ALA B 62 -1.07 31.37 -3.95
CA ALA B 62 -1.27 31.02 -2.55
C ALA B 62 -2.42 31.80 -1.91
N LYS B 63 -2.63 33.05 -2.32
CA LYS B 63 -3.70 33.85 -1.73
C LYS B 63 -5.07 33.30 -2.13
N ALA B 64 -5.22 32.87 -3.38
CA ALA B 64 -6.48 32.26 -3.79
C ALA B 64 -6.67 30.90 -3.15
N VAL B 65 -5.58 30.16 -2.94
CA VAL B 65 -5.68 28.87 -2.28
C VAL B 65 -6.16 29.06 -0.84
N GLN B 66 -5.53 30.00 -0.11
N GLN B 66 -5.54 29.99 -0.11
CA GLN B 66 -5.91 30.24 1.28
CA GLN B 66 -5.93 30.21 1.28
C GLN B 66 -7.36 30.69 1.39
C GLN B 66 -7.38 30.66 1.37
N LYS B 67 -7.81 31.54 0.46
CA LYS B 67 -9.20 31.96 0.45
C LYS B 67 -10.14 30.79 0.21
N LEU B 68 -9.78 29.90 -0.73
CA LEU B 68 -10.65 28.77 -1.03
C LEU B 68 -10.68 27.76 0.13
N VAL B 69 -9.53 27.47 0.71
CA VAL B 69 -9.49 26.52 1.83
C VAL B 69 -10.26 27.06 3.01
N THR B 70 -10.16 28.36 3.27
CA THR B 70 -10.92 28.96 4.36
C THR B 70 -12.43 28.88 4.08
N LYS B 71 -12.83 29.13 2.83
CA LYS B 71 -14.23 28.94 2.46
C LYS B 71 -14.69 27.51 2.71
N ILE B 72 -13.94 26.53 2.21
CA ILE B 72 -14.32 25.14 2.37
C ILE B 72 -14.42 24.77 3.84
N PHE B 73 -13.48 25.28 4.63
CA PHE B 73 -13.46 25.02 6.07
C PHE B 73 -14.71 25.57 6.75
N ARG B 74 -15.18 26.74 6.33
CA ARG B 74 -16.36 27.31 6.97
C ARG B 74 -17.64 26.56 6.59
N GLU B 75 -17.74 26.06 5.36
N GLU B 75 -17.73 26.06 5.35
CA GLU B 75 -18.98 25.39 4.96
CA GLU B 75 -18.95 25.38 4.90
C GLU B 75 -19.09 24.00 5.58
C GLU B 75 -19.09 23.98 5.49
N TYR B 76 -17.98 23.29 5.73
CA TYR B 76 -17.99 21.89 6.14
C TYR B 76 -17.27 21.62 7.45
N GLY B 77 -16.93 22.67 8.22
CA GLY B 77 -16.48 22.53 9.59
C GLY B 77 -15.13 21.88 9.78
N GLY B 78 -14.41 21.60 8.70
CA GLY B 78 -13.10 20.99 8.82
C GLY B 78 -12.72 20.38 7.49
N ILE B 79 -11.53 19.78 7.49
CA ILE B 79 -11.04 19.07 6.32
C ILE B 79 -10.46 17.75 6.81
N ASP B 80 -10.99 16.66 6.30
CA ASP B 80 -10.52 15.34 6.75
C ASP B 80 -9.43 14.78 5.86
N CYS B 81 -9.41 15.15 4.58
CA CYS B 81 -8.49 14.53 3.64
C CYS B 81 -8.16 15.50 2.51
N LEU B 82 -6.87 15.67 2.26
CA LEU B 82 -6.38 16.41 1.11
C LEU B 82 -5.63 15.46 0.20
N VAL B 83 -6.02 15.41 -1.07
CA VAL B 83 -5.30 14.64 -2.08
C VAL B 83 -4.66 15.63 -3.02
N ASN B 84 -3.33 15.72 -2.99
CA ASN B 84 -2.58 16.65 -3.85
C ASN B 84 -2.28 15.92 -5.15
N ASN B 85 -3.19 16.04 -6.10
CA ASN B 85 -3.11 15.30 -7.34
C ASN B 85 -2.78 16.17 -8.54
N ALA B 86 -3.11 17.46 -8.51
CA ALA B 86 -2.82 18.32 -9.64
C ALA B 86 -1.33 18.30 -9.98
N GLY B 87 -1.03 18.29 -11.27
CA GLY B 87 0.34 18.22 -11.74
C GLY B 87 0.40 18.41 -13.24
N ILE B 88 1.53 18.90 -13.74
CA ILE B 88 1.74 19.10 -15.17
C ILE B 88 3.08 18.50 -15.58
N VAL B 89 3.25 18.33 -16.90
CA VAL B 89 4.52 17.90 -17.49
C VAL B 89 4.91 18.89 -18.57
N ARG B 90 6.22 19.13 -18.71
CA ARG B 90 6.80 19.97 -19.77
C ARG B 90 8.04 19.21 -20.23
N ASP B 91 7.83 18.17 -21.01
CA ASP B 91 8.90 17.26 -21.39
C ASP B 91 9.88 17.94 -22.34
N GLY B 92 11.10 17.39 -22.37
CA GLY B 92 12.12 17.81 -23.31
C GLY B 92 13.44 17.23 -22.85
N PHE B 93 14.38 17.02 -23.76
CA PHE B 93 15.72 16.66 -23.35
C PHE B 93 16.31 17.77 -22.49
N PHE B 94 17.08 17.38 -21.48
CA PHE B 94 17.58 18.33 -20.49
C PHE B 94 18.34 19.49 -21.12
N LEU B 95 19.12 19.23 -22.17
CA LEU B 95 19.91 20.30 -22.76
C LEU B 95 19.08 21.27 -23.58
N MET B 96 17.82 20.96 -23.86
CA MET B 96 16.95 21.84 -24.64
C MET B 96 15.77 22.31 -23.80
N MET B 97 15.79 22.02 -22.50
CA MET B 97 14.71 22.35 -21.59
C MET B 97 14.96 23.74 -21.00
N SER B 98 14.05 24.67 -21.28
CA SER B 98 14.23 26.06 -20.88
C SER B 98 14.03 26.23 -19.37
N LYS B 99 14.47 27.39 -18.87
CA LYS B 99 14.15 27.79 -17.50
C LYS B 99 12.65 27.79 -17.28
N GLU B 100 11.90 28.28 -18.25
CA GLU B 100 10.45 28.38 -18.10
C GLU B 100 9.81 27.01 -17.92
N LYS B 101 10.29 26.00 -18.65
CA LYS B 101 9.77 24.65 -18.41
C LYS B 101 10.12 24.15 -17.02
N TRP B 102 11.27 24.57 -16.47
CA TRP B 102 11.59 24.19 -15.09
C TRP B 102 10.68 24.89 -14.09
N MET B 103 10.49 26.21 -14.24
CA MET B 103 9.77 26.94 -13.23
C MET B 103 8.26 26.71 -13.32
N ASP B 104 7.71 26.48 -14.52
CA ASP B 104 6.30 26.14 -14.63
C ASP B 104 5.97 24.86 -13.88
N VAL B 105 6.79 23.82 -14.07
CA VAL B 105 6.53 22.53 -13.41
C VAL B 105 6.82 22.63 -11.93
N ILE B 106 7.86 23.36 -11.54
CA ILE B 106 8.16 23.56 -10.12
C ILE B 106 7.01 24.29 -9.43
N ASN B 107 6.47 25.34 -10.07
CA ASN B 107 5.50 26.19 -9.40
C ASN B 107 4.18 25.47 -9.13
N ILE B 108 3.84 24.47 -9.93
CA ILE B 108 2.60 23.72 -9.73
C ILE B 108 2.84 22.43 -8.96
N ASN B 109 3.78 21.60 -9.42
CA ASN B 109 3.94 20.30 -8.77
C ASN B 109 4.53 20.44 -7.38
N ILE B 110 5.34 21.47 -7.13
CA ILE B 110 5.89 21.66 -5.79
C ILE B 110 5.11 22.74 -5.06
N MET B 111 5.13 23.97 -5.59
CA MET B 111 4.56 25.07 -4.82
C MET B 111 3.05 24.94 -4.69
N GLY B 112 2.39 24.25 -5.63
CA GLY B 112 0.97 24.01 -5.49
C GLY B 112 0.66 23.03 -4.38
N LEU B 113 1.46 21.96 -4.27
CA LEU B 113 1.33 21.07 -3.13
C LEU B 113 1.60 21.81 -1.83
N VAL B 114 2.60 22.71 -1.82
CA VAL B 114 2.94 23.45 -0.62
C VAL B 114 1.77 24.34 -0.20
N ASN B 115 1.20 25.10 -1.14
CA ASN B 115 0.11 26.02 -0.81
C ASN B 115 -1.09 25.29 -0.24
N MET B 116 -1.54 24.23 -0.92
CA MET B 116 -2.68 23.47 -0.43
C MET B 116 -2.38 22.83 0.92
N SER B 117 -1.23 22.15 1.03
CA SER B 117 -0.91 21.43 2.26
C SER B 117 -0.75 22.37 3.44
N LYS B 118 -0.07 23.50 3.26
CA LYS B 118 0.06 24.47 4.33
C LYS B 118 -1.30 24.92 4.84
N ALA B 119 -2.17 25.39 3.92
CA ALA B 119 -3.48 25.89 4.34
C ALA B 119 -4.31 24.80 5.00
N VAL B 120 -4.26 23.57 4.47
CA VAL B 120 -5.11 22.51 5.02
C VAL B 120 -4.54 22.02 6.36
N LEU B 121 -3.23 21.80 6.44
CA LEU B 121 -2.62 21.28 7.66
C LEU B 121 -2.72 22.25 8.83
N LYS B 122 -2.66 23.56 8.56
CA LYS B 122 -2.90 24.56 9.59
C LYS B 122 -4.25 24.33 10.26
N ILE B 123 -5.28 24.04 9.46
CA ILE B 123 -6.62 23.82 9.99
C ILE B 123 -6.66 22.49 10.76
N MET B 124 -6.13 21.42 10.16
CA MET B 124 -6.12 20.13 10.84
C MET B 124 -5.40 20.20 12.18
N LYS B 125 -4.25 20.88 12.23
CA LYS B 125 -3.52 21.00 13.49
C LYS B 125 -4.31 21.84 14.49
N ALA B 126 -4.80 23.02 14.07
CA ALA B 126 -5.47 23.92 15.00
C ALA B 126 -6.74 23.29 15.57
N LYS B 127 -7.42 22.45 14.79
CA LYS B 127 -8.64 21.81 15.25
C LYS B 127 -8.43 20.40 15.76
N ARG B 128 -7.19 19.91 15.76
CA ARG B 128 -6.88 18.54 16.21
C ARG B 128 -7.66 17.50 15.41
N ILE B 129 -7.76 17.70 14.11
CA ILE B 129 -8.34 16.71 13.22
C ILE B 129 -7.28 15.64 12.93
N GLN B 130 -7.62 14.38 13.16
CA GLN B 130 -6.72 13.27 12.84
C GLN B 130 -6.86 12.97 11.35
N GLY B 131 -6.41 13.91 10.52
CA GLY B 131 -6.69 13.90 9.11
C GLY B 131 -5.67 13.15 8.27
N LYS B 132 -5.81 13.31 6.96
CA LYS B 132 -5.00 12.58 5.99
C LYS B 132 -4.57 13.51 4.86
N VAL B 133 -3.30 13.40 4.48
CA VAL B 133 -2.83 14.01 3.25
C VAL B 133 -2.25 12.89 2.39
N ILE B 134 -2.69 12.83 1.14
CA ILE B 134 -2.15 11.87 0.19
C ILE B 134 -1.64 12.64 -1.02
N ASN B 135 -0.35 12.51 -1.28
CA ASN B 135 0.28 13.14 -2.43
C ASN B 135 0.40 12.15 -3.57
N ILE B 136 0.28 12.65 -4.79
CA ILE B 136 0.46 11.83 -5.98
C ILE B 136 1.81 12.15 -6.60
N SER B 137 2.68 11.16 -6.66
CA SER B 137 3.97 11.34 -7.30
C SER B 137 4.03 10.47 -8.55
N SER B 138 5.16 9.82 -8.83
CA SER B 138 5.33 9.13 -10.10
C SER B 138 6.57 8.25 -10.03
N THR B 139 6.52 7.10 -10.70
CA THR B 139 7.73 6.29 -10.87
C THR B 139 8.84 7.10 -11.48
N SER B 140 8.47 8.12 -12.25
CA SER B 140 9.46 9.02 -12.85
C SER B 140 10.30 9.69 -11.77
N GLY B 141 9.67 10.05 -10.65
CA GLY B 141 10.42 10.68 -9.57
C GLY B 141 11.29 9.69 -8.82
N ILE B 142 10.89 8.42 -8.81
CA ILE B 142 11.61 7.39 -8.06
C ILE B 142 12.83 6.91 -8.83
N ALA B 143 12.67 6.58 -10.10
CA ALA B 143 13.72 5.91 -10.85
C ALA B 143 14.31 6.78 -11.96
N GLY B 144 13.77 7.97 -12.18
CA GLY B 144 14.21 8.82 -13.27
C GLY B 144 13.59 8.39 -14.59
N GLN B 145 13.51 9.35 -15.52
CA GLN B 145 12.95 9.09 -16.83
C GLN B 145 13.55 10.04 -17.85
N ILE B 146 14.09 9.50 -18.93
CA ILE B 146 14.65 10.31 -19.99
C ILE B 146 13.61 11.32 -20.48
N GLY B 147 14.05 12.56 -20.70
CA GLY B 147 13.18 13.60 -21.17
C GLY B 147 12.32 14.24 -20.11
N GLN B 148 12.53 13.90 -18.83
CA GLN B 148 11.65 14.38 -17.77
C GLN B 148 12.44 14.91 -16.58
N ALA B 149 13.57 15.57 -16.82
CA ALA B 149 14.38 16.07 -15.71
C ALA B 149 13.55 16.96 -14.79
N ASN B 150 12.75 17.87 -15.37
CA ASN B 150 11.97 18.79 -14.54
C ASN B 150 10.86 18.06 -13.80
N TYR B 151 10.07 17.26 -14.52
CA TYR B 151 8.99 16.49 -13.90
C TYR B 151 9.53 15.58 -12.81
N SER B 152 10.58 14.81 -13.13
CA SER B 152 11.14 13.86 -12.18
C SER B 152 11.63 14.59 -10.93
N ALA B 153 12.28 15.74 -11.10
CA ALA B 153 12.71 16.54 -9.97
C ALA B 153 11.54 16.86 -9.03
N THR B 154 10.44 17.38 -9.58
CA THR B 154 9.31 17.74 -8.71
C THR B 154 8.72 16.51 -8.05
N LYS B 155 8.67 15.39 -8.78
CA LYS B 155 8.07 14.20 -8.18
C LYS B 155 8.96 13.61 -7.09
N GLY B 156 10.29 13.71 -7.23
CA GLY B 156 11.15 13.36 -6.12
C GLY B 156 10.99 14.31 -4.93
N ALA B 157 10.92 15.61 -5.20
CA ALA B 157 10.62 16.56 -4.13
C ALA B 157 9.33 16.19 -3.39
N ILE B 158 8.30 15.77 -4.14
CA ILE B 158 7.00 15.44 -3.52
C ILE B 158 7.15 14.30 -2.53
N ILE B 159 7.94 13.28 -2.89
CA ILE B 159 8.15 12.15 -1.99
C ILE B 159 8.88 12.57 -0.73
N SER B 160 9.89 13.44 -0.85
CA SER B 160 10.63 13.95 0.31
C SER B 160 9.77 14.83 1.19
N ILE B 161 8.93 15.69 0.60
CA ILE B 161 8.00 16.48 1.38
C ILE B 161 7.04 15.56 2.15
N THR B 162 6.55 14.51 1.49
CA THR B 162 5.72 13.52 2.19
C THR B 162 6.38 13.02 3.47
N LYS B 163 7.65 12.63 3.38
CA LYS B 163 8.32 12.05 4.54
C LYS B 163 8.56 13.09 5.62
N THR B 164 9.04 14.29 5.24
CA THR B 164 9.25 15.34 6.23
C THR B 164 7.95 15.68 6.94
N LEU B 165 6.88 15.91 6.17
CA LEU B 165 5.62 16.30 6.80
C LEU B 165 5.04 15.17 7.63
N ALA B 166 5.20 13.92 7.18
CA ALA B 166 4.76 12.80 8.01
C ALA B 166 5.40 12.85 9.39
N LYS B 167 6.72 13.11 9.44
CA LYS B 167 7.41 13.22 10.71
C LYS B 167 6.94 14.44 11.50
N GLU B 168 6.70 15.57 10.82
CA GLU B 168 6.31 16.79 11.52
C GLU B 168 4.92 16.67 12.13
N PHE B 169 4.01 15.95 11.50
CA PHE B 169 2.63 15.93 11.97
C PHE B 169 2.21 14.60 12.58
N ALA B 170 3.14 13.64 12.71
CA ALA B 170 2.78 12.34 13.28
C ALA B 170 2.23 12.49 14.69
N SER B 171 2.80 13.39 15.49
CA SER B 171 2.31 13.54 16.86
C SER B 171 0.91 14.12 16.91
N ASP B 172 0.47 14.78 15.85
CA ASP B 172 -0.90 15.30 15.74
C ASP B 172 -1.87 14.27 15.18
N GLY B 173 -1.40 13.04 14.97
CA GLY B 173 -2.24 11.98 14.45
C GLY B 173 -2.64 12.13 13.00
N ILE B 174 -1.94 12.98 12.25
CA ILE B 174 -2.17 13.16 10.82
C ILE B 174 -1.21 12.25 10.07
N THR B 175 -1.72 11.33 9.24
CA THR B 175 -0.83 10.58 8.38
C THR B 175 -0.67 11.27 7.03
N ILE B 176 0.52 11.14 6.45
CA ILE B 176 0.88 11.79 5.20
C ILE B 176 1.61 10.77 4.35
N ASN B 177 1.00 10.35 3.25
CA ASN B 177 1.54 9.31 2.40
C ASN B 177 1.55 9.77 0.95
N CYS B 178 2.15 8.92 0.13
CA CYS B 178 2.35 9.25 -1.26
C CYS B 178 1.99 8.03 -2.09
N VAL B 179 1.41 8.27 -3.26
CA VAL B 179 1.10 7.22 -4.22
C VAL B 179 1.81 7.57 -5.53
N SER B 180 2.60 6.63 -6.05
CA SER B 180 3.39 6.85 -7.26
C SER B 180 2.93 5.90 -8.36
N PRO B 181 2.07 6.34 -9.26
CA PRO B 181 1.67 5.50 -10.38
C PRO B 181 2.78 5.38 -11.41
N GLY B 182 2.78 4.23 -12.10
CA GLY B 182 3.52 4.10 -13.35
C GLY B 182 2.72 4.65 -14.52
N PHE B 183 2.54 3.87 -15.58
CA PHE B 183 1.77 4.33 -16.72
C PHE B 183 0.29 4.04 -16.51
N ILE B 184 -0.53 5.08 -16.56
CA ILE B 184 -1.97 4.99 -16.37
C ILE B 184 -2.64 5.47 -17.64
N GLU B 185 -3.67 4.75 -18.08
CA GLU B 185 -4.42 5.15 -19.26
C GLU B 185 -5.16 6.45 -18.96
N THR B 186 -4.61 7.57 -19.43
CA THR B 186 -5.25 8.89 -19.35
C THR B 186 -4.98 9.58 -20.69
N ASP B 187 -5.16 10.90 -20.73
CA ASP B 187 -4.73 11.69 -21.88
C ASP B 187 -3.26 12.08 -21.78
N MET B 188 -2.76 12.26 -20.55
CA MET B 188 -1.34 12.49 -20.30
C MET B 188 -0.46 11.38 -20.91
N THR B 189 -1.01 10.19 -21.16
CA THR B 189 -0.28 9.10 -21.81
C THR B 189 -0.96 8.62 -23.09
N ASN B 190 -2.01 9.30 -23.56
CA ASN B 190 -2.72 8.80 -24.73
C ASN B 190 -2.03 9.16 -26.04
N GLU B 191 -1.15 10.14 -26.04
CA GLU B 191 -0.43 10.54 -27.24
C GLU B 191 0.84 9.72 -27.48
N LEU B 192 1.15 8.76 -26.61
CA LEU B 192 2.32 7.91 -26.81
C LEU B 192 2.10 6.96 -27.98
N GLN B 193 3.15 6.75 -28.78
CA GLN B 193 3.09 5.75 -29.83
C GLN B 193 3.81 4.48 -29.46
N ASN B 194 4.79 4.57 -28.57
CA ASN B 194 5.54 3.45 -28.04
C ASN B 194 4.82 2.68 -26.94
N LYS B 195 3.48 2.75 -26.88
CA LYS B 195 2.76 2.07 -25.81
C LYS B 195 2.96 0.56 -25.86
N GLU B 196 3.09 -0.01 -27.05
N GLU B 196 3.04 -0.01 -27.06
CA GLU B 196 3.20 -1.45 -27.16
CA GLU B 196 3.21 -1.45 -27.20
C GLU B 196 4.56 -1.95 -26.71
C GLU B 196 4.55 -1.91 -26.65
N GLU B 197 5.62 -1.18 -26.94
CA GLU B 197 6.93 -1.53 -26.41
C GLU B 197 6.94 -1.42 -24.90
N LEU B 198 6.22 -0.43 -24.36
CA LEU B 198 6.11 -0.29 -22.91
C LEU B 198 5.47 -1.53 -22.30
N LYS B 199 4.32 -1.92 -22.83
CA LYS B 199 3.59 -3.06 -22.27
C LYS B 199 4.32 -4.37 -22.51
N GLU B 200 4.87 -4.57 -23.71
N GLU B 200 4.85 -4.55 -23.73
CA GLU B 200 5.44 -5.87 -24.03
CA GLU B 200 5.47 -5.82 -24.09
C GLU B 200 6.79 -6.10 -23.37
C GLU B 200 6.75 -6.08 -23.29
N HIS B 201 7.55 -5.04 -23.07
CA HIS B 201 8.90 -5.20 -22.53
C HIS B 201 9.11 -4.63 -21.14
N LEU B 202 8.47 -3.52 -20.77
CA LEU B 202 8.81 -2.84 -19.52
C LEU B 202 7.86 -3.13 -18.38
N ILE B 203 6.62 -3.54 -18.64
CA ILE B 203 5.62 -3.69 -17.59
C ILE B 203 5.28 -5.17 -17.46
N PRO B 204 5.63 -5.81 -16.34
CA PRO B 204 5.38 -7.26 -16.21
C PRO B 204 3.91 -7.66 -16.41
N LEU B 205 2.97 -6.86 -15.94
CA LEU B 205 1.55 -7.14 -16.15
C LEU B 205 1.07 -6.74 -17.54
N LYS B 206 1.95 -6.17 -18.37
CA LYS B 206 1.70 -6.05 -19.80
C LYS B 206 0.47 -5.18 -20.11
N ARG B 207 0.14 -4.24 -19.24
CA ARG B 207 -0.94 -3.30 -19.52
C ARG B 207 -0.68 -2.01 -18.76
N PHE B 208 -1.35 -0.94 -19.18
CA PHE B 208 -1.39 0.27 -18.37
C PHE B 208 -2.38 0.09 -17.23
N GLY B 209 -2.15 0.84 -16.15
CA GLY B 209 -3.11 0.88 -15.08
C GLY B 209 -4.35 1.67 -15.45
N GLN B 210 -5.44 1.46 -14.66
CA GLN B 210 -6.61 2.29 -14.91
C GLN B 210 -6.71 3.38 -13.85
N PRO B 211 -7.25 4.55 -14.21
CA PRO B 211 -7.43 5.61 -13.19
C PRO B 211 -8.11 5.11 -11.92
N GLU B 212 -9.16 4.31 -12.06
CA GLU B 212 -9.86 3.76 -10.90
C GLU B 212 -8.94 2.93 -10.01
N GLU B 213 -7.94 2.28 -10.58
CA GLU B 213 -7.04 1.50 -9.75
C GLU B 213 -6.16 2.38 -8.85
N VAL B 214 -5.74 3.55 -9.34
CA VAL B 214 -5.05 4.50 -8.46
C VAL B 214 -6.00 5.02 -7.39
N ALA B 215 -7.23 5.35 -7.79
CA ALA B 215 -8.22 5.86 -6.84
C ALA B 215 -8.50 4.86 -5.71
N TRP B 216 -8.58 3.57 -6.03
CA TRP B 216 -8.81 2.55 -5.00
C TRP B 216 -7.68 2.55 -3.97
N LEU B 217 -6.44 2.73 -4.40
CA LEU B 217 -5.33 2.78 -3.46
C LEU B 217 -5.40 4.05 -2.62
N VAL B 218 -5.65 5.20 -3.26
CA VAL B 218 -5.78 6.45 -2.54
C VAL B 218 -6.91 6.37 -1.51
N SER B 219 -8.02 5.73 -1.89
CA SER B 219 -9.16 5.63 -0.98
C SER B 219 -8.84 4.74 0.21
N PHE B 220 -8.09 3.64 -0.02
CA PHE B 220 -7.62 2.83 1.10
C PHE B 220 -6.81 3.67 2.08
N LEU B 221 -5.86 4.46 1.55
CA LEU B 221 -4.99 5.25 2.43
C LEU B 221 -5.77 6.33 3.17
N ALA B 222 -6.81 6.88 2.56
CA ALA B 222 -7.65 7.86 3.24
C ALA B 222 -8.57 7.24 4.27
N SER B 223 -8.84 5.93 4.18
CA SER B 223 -9.83 5.34 5.07
C SER B 223 -9.24 5.15 6.47
N GLU B 224 -10.12 4.80 7.40
CA GLU B 224 -9.69 4.48 8.76
C GLU B 224 -8.96 3.14 8.83
N LYS B 225 -8.82 2.43 7.71
CA LYS B 225 -8.13 1.14 7.72
C LYS B 225 -6.64 1.29 7.45
N ALA B 226 -6.13 2.53 7.42
CA ALA B 226 -4.73 2.79 7.09
C ALA B 226 -4.09 3.78 8.05
N ASN B 227 -4.60 3.88 9.28
CA ASN B 227 -4.10 4.90 10.20
C ASN B 227 -2.70 4.61 10.74
N TYR B 228 -2.20 3.39 10.60
CA TYR B 228 -0.84 3.10 11.04
C TYR B 228 0.18 3.25 9.92
N ILE B 229 -0.24 3.64 8.72
CA ILE B 229 0.67 3.83 7.60
C ILE B 229 0.94 5.33 7.47
N THR B 230 2.19 5.73 7.61
CA THR B 230 2.47 7.13 7.35
C THR B 230 3.88 7.27 6.82
N GLY B 231 4.10 8.33 6.04
CA GLY B 231 5.40 8.58 5.45
C GLY B 231 5.80 7.63 4.34
N LYS B 232 4.87 6.86 3.81
CA LYS B 232 5.22 5.85 2.84
C LYS B 232 4.91 6.31 1.43
N ASN B 233 5.61 5.70 0.47
CA ASN B 233 5.38 5.91 -0.96
C ASN B 233 5.00 4.55 -1.56
N ILE B 234 3.74 4.38 -1.95
CA ILE B 234 3.25 3.13 -2.51
C ILE B 234 3.18 3.23 -4.03
N VAL B 235 3.80 2.28 -4.72
CA VAL B 235 3.99 2.34 -6.17
C VAL B 235 2.96 1.44 -6.83
N ILE B 236 2.22 1.98 -7.79
CA ILE B 236 1.19 1.21 -8.48
C ILE B 236 1.54 1.25 -9.97
N ASP B 237 2.25 0.21 -10.45
CA ASP B 237 2.91 0.30 -11.75
C ASP B 237 2.95 -1.02 -12.52
N GLY B 238 2.09 -1.98 -12.21
CA GLY B 238 2.16 -3.25 -12.90
C GLY B 238 3.48 -3.97 -12.77
N GLY B 239 4.30 -3.61 -11.79
CA GLY B 239 5.62 -4.22 -11.60
C GLY B 239 6.76 -3.54 -12.33
N MET B 240 6.54 -2.34 -12.88
CA MET B 240 7.48 -1.78 -13.86
C MET B 240 8.85 -1.50 -13.26
N ILE B 241 8.92 -0.94 -12.06
CA ILE B 241 10.21 -0.55 -11.49
C ILE B 241 10.44 -1.31 -10.19
N ASN B 242 11.69 -1.27 -9.75
CA ASN B 242 12.04 -1.59 -8.38
C ASN B 242 12.03 -0.31 -7.57
N ASP B 243 11.21 -0.26 -6.52
CA ASP B 243 11.10 0.96 -5.72
C ASP B 243 12.44 1.40 -5.12
#